data_7X8I
#
_entry.id   7X8I
#
_cell.length_a   76.434
_cell.length_b   84.197
_cell.length_c   60.524
_cell.angle_alpha   90.00
_cell.angle_beta   99.35
_cell.angle_gamma   90.00
#
_symmetry.space_group_name_H-M   'C 1 2 1'
#
loop_
_entity.id
_entity.type
_entity.pdbx_description
1 polymer '4-hydroxyphenylpyruvate dioxygenase'
2 non-polymer 'COBALT (II) ION'
3 non-polymer 2-[(1R)-4-methyl-1-oxidanyl-pent-3-enyl]-5,8-bis(oxidanyl)naphthalene-1,4-dione
4 water water
#
_entity_poly.entity_id   1
_entity_poly.type   'polypeptide(L)'
_entity_poly.pdbx_seq_one_letter_code
;GSHMVRKNPKSDKFKVKRFHHIEFWCGDATNVARRFSWGLGMRFSAKSDLSTGNMVHASYLLTSGDLRFLFTAPYSPSLS
AGEIKPTTTASIPSFDHGSCRSFFSSHGLGVRAVAIEVEDAESAFSISVANGAIPSSPPIVLNEAVTIAEVKLYGDVVLR
YVSYKAEDTEKSEFLPGFERVEDASSFPLDYGIRRLDHAVGNVPELGPALTYVAGFTGFHQFAEFTADDVGTAESGLNSA
VLASNDEMVLLPINEPVHGTKRKSQIQTYLEHNEGAGLQHLALMSEDIFRTLREMRKRSSIGGFDFMPSPPPTYYQNLKK
RVGDVLSDDQIKECEELGILVDRDDQGTLLQIFTKPLGDRPTIFIEIIQRVGCMMKDEEGKAYQSGGCGGFGKGNFSELF
KSIEEYEKTLEAKQLVG
;
_entity_poly.pdbx_strand_id   A
#
loop_
_chem_comp.id
_chem_comp.type
_chem_comp.name
_chem_comp.formula
CO non-polymer 'COBALT (II) ION' 'Co 2'
FNO non-polymer 2-[(1R)-4-methyl-1-oxidanyl-pent-3-enyl]-5,8-bis(oxidanyl)naphthalene-1,4-dione 'C16 H16 O5'
#
# COMPACT_ATOMS: atom_id res chain seq x y z
N LYS A 7 -20.75 -11.73 7.30
CA LYS A 7 -20.96 -12.85 6.39
C LYS A 7 -19.77 -13.02 5.45
N ASN A 8 -19.02 -14.09 5.64
CA ASN A 8 -17.87 -14.38 4.80
C ASN A 8 -18.14 -15.59 3.93
N PRO A 9 -18.48 -15.40 2.65
CA PRO A 9 -18.77 -16.54 1.77
C PRO A 9 -17.54 -17.30 1.26
N LYS A 10 -16.32 -16.82 1.52
CA LYS A 10 -15.09 -17.54 1.19
C LYS A 10 -15.04 -17.92 -0.29
N SER A 11 -15.31 -16.94 -1.16
CA SER A 11 -15.50 -17.20 -2.58
C SER A 11 -14.26 -16.92 -3.43
N ASP A 12 -13.06 -16.94 -2.83
CA ASP A 12 -11.83 -16.80 -3.64
C ASP A 12 -11.80 -17.84 -4.74
N LYS A 13 -11.43 -17.41 -5.95
CA LYS A 13 -11.37 -18.30 -7.09
C LYS A 13 -10.03 -18.99 -7.24
N PHE A 14 -9.05 -18.62 -6.41
CA PHE A 14 -7.75 -19.28 -6.36
C PHE A 14 -7.18 -19.02 -4.98
N LYS A 15 -6.24 -19.87 -4.57
CA LYS A 15 -5.66 -19.73 -3.25
C LYS A 15 -4.80 -18.46 -3.21
N VAL A 16 -5.24 -17.49 -2.42
CA VAL A 16 -4.51 -16.23 -2.19
C VAL A 16 -3.88 -16.32 -0.82
N LYS A 17 -2.57 -16.08 -0.75
CA LYS A 17 -1.87 -16.22 0.51
C LYS A 17 -1.77 -14.89 1.25
N ARG A 18 -0.79 -14.05 0.91
CA ARG A 18 -0.62 -12.80 1.62
C ARG A 18 -0.07 -11.72 0.68
N PHE A 19 -0.23 -10.48 1.12
CA PHE A 19 0.49 -9.39 0.51
C PHE A 19 1.97 -9.74 0.44
N HIS A 20 2.56 -9.57 -0.73
CA HIS A 20 3.96 -9.90 -0.93
C HIS A 20 4.86 -8.67 -1.06
N HIS A 21 4.49 -7.70 -1.90
CA HIS A 21 5.29 -6.49 -2.02
C HIS A 21 4.49 -5.42 -2.78
N ILE A 22 4.96 -4.18 -2.64
CA ILE A 22 4.42 -3.02 -3.33
C ILE A 22 5.55 -2.44 -4.15
N GLU A 23 5.33 -2.21 -5.45
CA GLU A 23 6.35 -1.66 -6.33
C GLU A 23 5.99 -0.25 -6.77
N PHE A 24 6.87 0.69 -6.46
CA PHE A 24 6.76 2.06 -6.92
C PHE A 24 7.49 2.18 -8.24
N TRP A 25 6.92 2.92 -9.18
CA TRP A 25 7.64 3.31 -10.39
C TRP A 25 8.11 4.76 -10.20
N CYS A 26 9.41 4.97 -10.34
CA CYS A 26 10.06 6.22 -9.97
C CYS A 26 10.80 6.80 -11.17
N GLY A 27 11.13 8.09 -11.07
CA GLY A 27 12.13 8.64 -11.95
C GLY A 27 13.53 8.16 -11.63
N ASP A 28 13.89 8.17 -10.35
CA ASP A 28 15.19 7.70 -9.90
C ASP A 28 14.97 6.81 -8.69
N ALA A 29 15.23 5.51 -8.84
CA ALA A 29 14.95 4.56 -7.77
C ALA A 29 15.84 4.80 -6.56
N THR A 30 17.11 5.12 -6.80
CA THR A 30 18.06 5.35 -5.71
C THR A 30 17.54 6.39 -4.73
N ASN A 31 17.12 7.55 -5.24
CA ASN A 31 16.80 8.66 -4.35
C ASN A 31 15.48 8.44 -3.61
N VAL A 32 14.46 7.91 -4.28
CA VAL A 32 13.22 7.59 -3.58
C VAL A 32 13.47 6.53 -2.52
N ALA A 33 14.21 5.47 -2.87
CA ALA A 33 14.44 4.39 -1.92
C ALA A 33 15.21 4.86 -0.69
N ARG A 34 16.25 5.69 -0.87
CA ARG A 34 16.99 6.20 0.28
C ARG A 34 16.11 7.11 1.14
N ARG A 35 15.25 7.92 0.53
CA ARG A 35 14.32 8.74 1.30
C ARG A 35 13.36 7.87 2.10
N PHE A 36 12.75 6.88 1.45
CA PHE A 36 11.80 6.02 2.15
C PHE A 36 12.50 5.24 3.27
N SER A 37 13.75 4.83 3.04
CA SER A 37 14.48 4.02 4.02
C SER A 37 14.66 4.80 5.34
N TRP A 38 15.15 6.02 5.24
CA TRP A 38 15.30 6.88 6.40
C TRP A 38 13.96 7.23 7.02
N GLY A 39 12.98 7.59 6.19
CA GLY A 39 11.75 8.13 6.70
C GLY A 39 10.86 7.11 7.38
N LEU A 40 10.92 5.85 6.93
CA LEU A 40 10.06 4.80 7.43
C LEU A 40 10.80 3.77 8.28
N GLY A 41 12.12 3.76 8.27
CA GLY A 41 12.88 2.75 8.99
C GLY A 41 12.90 1.40 8.32
N MET A 42 13.25 1.36 7.03
CA MET A 42 13.32 0.11 6.29
C MET A 42 14.74 -0.16 5.85
N ARG A 43 15.08 -1.44 5.80
CA ARG A 43 16.43 -1.89 5.49
C ARG A 43 16.59 -2.13 3.99
N PHE A 44 17.74 -1.77 3.45
CA PHE A 44 18.07 -2.14 2.08
C PHE A 44 18.31 -3.64 2.03
N SER A 45 17.49 -4.37 1.30
CA SER A 45 17.53 -5.83 1.30
C SER A 45 17.99 -6.48 0.02
N ALA A 46 17.58 -5.99 -1.13
CA ALA A 46 17.93 -6.64 -2.38
C ALA A 46 18.09 -5.59 -3.47
N LYS A 47 18.92 -5.91 -4.47
CA LYS A 47 19.09 -5.01 -5.61
C LYS A 47 19.11 -5.81 -6.90
N SER A 48 18.62 -5.16 -7.96
CA SER A 48 18.79 -5.61 -9.33
C SER A 48 19.02 -4.35 -10.16
N ASP A 49 20.23 -4.21 -10.69
CA ASP A 49 20.64 -2.99 -11.37
C ASP A 49 21.85 -3.33 -12.24
N LEU A 50 22.58 -2.29 -12.67
CA LEU A 50 23.75 -2.50 -13.53
C LEU A 50 24.74 -3.46 -12.90
N SER A 51 24.94 -3.36 -11.59
CA SER A 51 25.92 -4.18 -10.90
C SER A 51 25.51 -5.65 -10.83
N THR A 52 24.25 -5.96 -11.13
CA THR A 52 23.81 -7.34 -11.19
C THR A 52 23.53 -7.82 -12.61
N GLY A 53 23.87 -7.02 -13.62
CA GLY A 53 23.67 -7.40 -15.01
C GLY A 53 22.40 -6.87 -15.63
N ASN A 54 21.52 -6.25 -14.83
CA ASN A 54 20.28 -5.71 -15.37
C ASN A 54 20.59 -4.42 -16.13
N MET A 55 20.49 -4.47 -17.47
CA MET A 55 20.71 -3.31 -18.32
C MET A 55 19.45 -2.52 -18.59
N VAL A 56 18.31 -2.95 -18.07
CA VAL A 56 17.01 -2.39 -18.41
C VAL A 56 16.49 -1.46 -17.33
N HIS A 57 16.49 -1.91 -16.07
CA HIS A 57 15.93 -1.08 -15.02
C HIS A 57 16.76 -1.21 -13.75
N ALA A 58 16.67 -0.20 -12.90
CA ALA A 58 17.21 -0.27 -11.55
C ALA A 58 16.08 -0.53 -10.58
N SER A 59 16.22 -1.57 -9.75
CA SER A 59 15.20 -1.95 -8.79
C SER A 59 15.83 -2.20 -7.42
N TYR A 60 15.36 -1.49 -6.40
CA TYR A 60 15.89 -1.62 -5.04
C TYR A 60 14.77 -1.99 -4.09
N LEU A 61 15.02 -2.99 -3.24
CA LEU A 61 14.03 -3.49 -2.31
C LEU A 61 14.36 -3.04 -0.90
N LEU A 62 13.37 -2.47 -0.22
CA LEU A 62 13.44 -2.18 1.20
C LEU A 62 12.49 -3.10 1.93
N THR A 63 12.89 -3.55 3.13
CA THR A 63 12.07 -4.45 3.94
C THR A 63 11.99 -3.93 5.37
N SER A 64 10.85 -4.14 6.00
CA SER A 64 10.69 -3.94 7.45
C SER A 64 9.72 -5.02 7.92
N GLY A 65 10.22 -6.01 8.64
CA GLY A 65 9.37 -7.16 8.97
C GLY A 65 8.96 -7.90 7.70
N ASP A 66 7.65 -8.04 7.48
CA ASP A 66 7.13 -8.63 6.25
C ASP A 66 6.86 -7.60 5.17
N LEU A 67 7.06 -6.31 5.45
CA LEU A 67 6.71 -5.27 4.50
C LEU A 67 7.83 -5.16 3.48
N ARG A 68 7.50 -5.29 2.19
CA ARG A 68 8.46 -5.14 1.11
C ARG A 68 8.02 -4.02 0.18
N PHE A 69 8.85 -2.97 0.09
CA PHE A 69 8.68 -1.86 -0.85
C PHE A 69 9.74 -2.01 -1.93
N LEU A 70 9.33 -2.08 -3.19
CA LEU A 70 10.23 -2.19 -4.33
C LEU A 70 10.21 -0.87 -5.11
N PHE A 71 11.40 -0.33 -5.41
CA PHE A 71 11.55 0.95 -6.10
C PHE A 71 12.26 0.72 -7.42
N THR A 72 11.59 1.04 -8.53
CA THR A 72 12.09 0.71 -9.85
C THR A 72 12.06 1.93 -10.76
N ALA A 73 13.12 2.11 -11.54
CA ALA A 73 13.25 3.16 -12.54
C ALA A 73 13.98 2.63 -13.77
N PRO A 74 13.61 3.14 -14.96
CA PRO A 74 14.28 2.69 -16.19
C PRO A 74 15.62 3.39 -16.42
N TYR A 75 16.57 2.61 -16.93
CA TYR A 75 17.77 3.17 -17.53
C TYR A 75 17.45 3.70 -18.92
N SER A 76 18.49 4.21 -19.57
CA SER A 76 18.39 4.61 -20.96
C SER A 76 18.03 3.39 -21.80
N PRO A 77 17.00 3.47 -22.66
CA PRO A 77 16.71 2.36 -23.58
C PRO A 77 17.92 1.89 -24.37
N SER A 78 18.85 2.80 -24.65
CA SER A 78 20.04 2.49 -25.45
C SER A 78 20.83 1.33 -24.85
N LEU A 79 20.87 1.24 -23.52
CA LEU A 79 21.71 0.21 -22.89
C LEU A 79 21.29 -1.18 -23.30
N SER A 80 20.00 -1.37 -23.60
CA SER A 80 19.45 -2.68 -23.88
C SER A 80 18.88 -2.75 -25.29
N ALA A 81 19.38 -1.91 -26.20
CA ALA A 81 18.80 -1.81 -27.54
C ALA A 81 18.93 -3.13 -28.30
N GLY A 82 20.00 -3.88 -28.07
CA GLY A 82 20.19 -5.13 -28.76
C GLY A 82 19.41 -6.30 -28.20
N GLU A 83 18.84 -6.16 -27.01
CA GLU A 83 18.14 -7.26 -26.38
C GLU A 83 16.71 -7.37 -26.93
N ILE A 84 16.18 -8.58 -26.86
CA ILE A 84 14.76 -8.83 -27.09
C ILE A 84 14.21 -9.49 -25.83
N LYS A 85 12.89 -9.54 -25.73
CA LYS A 85 12.25 -10.14 -24.55
C LYS A 85 12.83 -11.50 -24.20
N PRO A 86 13.05 -12.44 -25.13
CA PRO A 86 13.75 -13.68 -24.78
C PRO A 86 15.14 -13.48 -24.20
N THR A 87 15.88 -12.47 -24.64
CA THR A 87 17.26 -12.22 -24.22
C THR A 87 17.36 -11.08 -23.21
N THR A 88 16.25 -10.70 -22.58
CA THR A 88 16.25 -9.53 -21.72
C THR A 88 17.12 -9.75 -20.49
N THR A 89 17.72 -8.66 -20.00
CA THR A 89 18.44 -8.65 -18.73
C THR A 89 17.60 -8.07 -17.60
N ALA A 90 16.38 -7.61 -17.88
CA ALA A 90 15.51 -7.16 -16.82
C ALA A 90 15.11 -8.34 -15.94
N SER A 91 15.29 -8.19 -14.63
CA SER A 91 14.87 -9.26 -13.74
C SER A 91 13.36 -9.30 -13.54
N ILE A 92 12.66 -8.24 -13.95
CA ILE A 92 11.20 -8.21 -13.87
C ILE A 92 10.68 -8.09 -15.30
N PRO A 93 10.46 -9.22 -15.98
CA PRO A 93 10.18 -9.19 -17.43
C PRO A 93 8.91 -8.45 -17.82
N SER A 94 8.04 -8.13 -16.87
CA SER A 94 6.90 -7.28 -17.20
C SER A 94 7.29 -5.83 -17.41
N PHE A 95 8.49 -5.43 -17.03
CA PHE A 95 8.89 -4.04 -17.17
C PHE A 95 8.96 -3.61 -18.64
N ASP A 96 8.59 -2.36 -18.89
CA ASP A 96 8.63 -1.80 -20.24
C ASP A 96 8.98 -0.32 -20.13
N HIS A 97 10.08 0.08 -20.75
CA HIS A 97 10.50 1.49 -20.72
C HIS A 97 9.34 2.42 -21.06
N GLY A 98 8.67 2.19 -22.20
CA GLY A 98 7.60 3.08 -22.61
C GLY A 98 6.45 3.14 -21.61
N SER A 99 6.09 2.00 -21.03
CA SER A 99 5.04 1.99 -20.00
C SER A 99 5.48 2.76 -18.75
N CYS A 100 6.71 2.51 -18.29
CA CYS A 100 7.18 3.15 -17.07
C CYS A 100 7.30 4.66 -17.24
N ARG A 101 7.87 5.11 -18.36
CA ARG A 101 7.98 6.55 -18.59
C ARG A 101 6.60 7.16 -18.76
N SER A 102 5.72 6.49 -19.51
CA SER A 102 4.35 6.97 -19.63
C SER A 102 3.64 6.94 -18.27
N PHE A 103 3.77 5.84 -17.53
CA PHE A 103 3.20 5.78 -16.18
C PHE A 103 3.66 6.97 -15.34
N PHE A 104 4.97 7.20 -15.27
CA PHE A 104 5.51 8.21 -14.38
C PHE A 104 5.24 9.62 -14.90
N SER A 105 5.38 9.83 -16.20
CA SER A 105 5.04 11.14 -16.76
C SER A 105 3.58 11.47 -16.51
N SER A 106 2.71 10.44 -16.57
CA SER A 106 1.28 10.66 -16.42
C SER A 106 0.86 10.83 -14.96
N HIS A 107 1.42 10.02 -14.06
CA HIS A 107 1.01 10.01 -12.67
C HIS A 107 2.03 10.60 -11.70
N GLY A 108 3.29 10.73 -12.11
CA GLY A 108 4.30 11.01 -11.11
C GLY A 108 4.51 9.79 -10.23
N LEU A 109 5.24 10.02 -9.13
CA LEU A 109 5.62 8.93 -8.25
C LEU A 109 4.38 8.25 -7.68
N GLY A 110 4.31 6.93 -7.83
CA GLY A 110 3.21 6.22 -7.24
C GLY A 110 3.38 4.72 -7.43
N VAL A 111 2.38 3.99 -6.97
CA VAL A 111 2.44 2.53 -6.97
C VAL A 111 2.04 2.01 -8.34
N ARG A 112 2.94 1.21 -8.95
CA ARG A 112 2.62 0.49 -10.17
C ARG A 112 1.98 -0.88 -9.88
N ALA A 113 2.51 -1.65 -8.93
CA ALA A 113 2.03 -3.00 -8.69
C ALA A 113 1.68 -3.21 -7.22
N VAL A 114 0.46 -3.72 -6.98
CA VAL A 114 0.09 -4.33 -5.72
C VAL A 114 0.28 -5.83 -5.89
N ALA A 115 1.27 -6.41 -5.20
CA ALA A 115 1.64 -7.81 -5.40
C ALA A 115 1.15 -8.66 -4.24
N ILE A 116 0.48 -9.77 -4.56
CA ILE A 116 0.03 -10.74 -3.58
C ILE A 116 0.64 -12.10 -3.91
N GLU A 117 1.02 -12.84 -2.89
CA GLU A 117 1.50 -14.20 -3.08
C GLU A 117 0.31 -15.14 -3.21
N VAL A 118 0.33 -15.97 -4.24
CA VAL A 118 -0.71 -16.97 -4.46
C VAL A 118 -0.06 -18.34 -4.51
N GLU A 119 -0.91 -19.37 -4.53
CA GLU A 119 -0.37 -20.73 -4.60
C GLU A 119 0.18 -21.05 -5.98
N ASP A 120 -0.47 -20.57 -7.03
CA ASP A 120 -0.02 -20.87 -8.39
C ASP A 120 -0.33 -19.65 -9.25
N ALA A 121 0.71 -18.89 -9.60
CA ALA A 121 0.52 -17.64 -10.32
C ALA A 121 -0.05 -17.87 -11.71
N GLU A 122 0.38 -18.94 -12.39
CA GLU A 122 -0.16 -19.20 -13.73
C GLU A 122 -1.66 -19.49 -13.68
N SER A 123 -2.10 -20.35 -12.74
CA SER A 123 -3.52 -20.62 -12.66
C SER A 123 -4.30 -19.39 -12.19
N ALA A 124 -3.74 -18.64 -11.23
CA ALA A 124 -4.42 -17.43 -10.78
C ALA A 124 -4.61 -16.44 -11.93
N PHE A 125 -3.62 -16.31 -12.80
CA PHE A 125 -3.75 -15.46 -13.98
C PHE A 125 -4.81 -16.00 -14.94
N SER A 126 -4.77 -17.30 -15.22
CA SER A 126 -5.74 -17.89 -16.14
C SER A 126 -7.16 -17.73 -15.61
N ILE A 127 -7.40 -18.12 -14.36
CA ILE A 127 -8.72 -18.00 -13.78
C ILE A 127 -9.18 -16.55 -13.79
N SER A 128 -8.30 -15.62 -13.41
CA SER A 128 -8.64 -14.20 -13.39
C SER A 128 -9.14 -13.73 -14.76
N VAL A 129 -8.33 -13.94 -15.79
CA VAL A 129 -8.69 -13.44 -17.12
C VAL A 129 -9.98 -14.13 -17.60
N ALA A 130 -10.08 -15.44 -17.38
CA ALA A 130 -11.33 -16.13 -17.69
C ALA A 130 -12.50 -15.47 -17.00
N ASN A 131 -12.26 -14.82 -15.86
CA ASN A 131 -13.33 -14.23 -15.08
C ASN A 131 -13.38 -12.71 -15.21
N GLY A 132 -12.89 -12.17 -16.32
CA GLY A 132 -13.06 -10.77 -16.63
C GLY A 132 -11.83 -9.90 -16.46
N ALA A 133 -10.73 -10.43 -15.92
CA ALA A 133 -9.54 -9.59 -15.71
C ALA A 133 -8.92 -9.17 -17.04
N ILE A 134 -8.51 -7.91 -17.11
CA ILE A 134 -7.76 -7.42 -18.25
C ILE A 134 -6.31 -7.86 -18.09
N PRO A 135 -5.78 -8.67 -19.00
CA PRO A 135 -4.40 -9.13 -18.84
C PRO A 135 -3.43 -7.98 -18.97
N SER A 136 -2.34 -8.05 -18.21
CA SER A 136 -1.29 -7.04 -18.32
C SER A 136 0.05 -7.64 -18.67
N SER A 137 0.44 -8.72 -18.00
CA SER A 137 1.65 -9.40 -18.36
C SER A 137 1.35 -10.87 -18.09
N PRO A 138 1.61 -11.75 -19.05
CA PRO A 138 1.24 -13.15 -18.88
C PRO A 138 2.21 -13.83 -17.93
N PRO A 139 1.88 -15.02 -17.43
CA PRO A 139 2.78 -15.68 -16.48
C PRO A 139 4.13 -15.95 -17.10
N ILE A 140 5.19 -15.63 -16.37
CA ILE A 140 6.54 -15.95 -16.79
C ILE A 140 7.18 -16.70 -15.63
N VAL A 141 7.97 -17.72 -15.94
CA VAL A 141 8.64 -18.53 -14.94
C VAL A 141 10.10 -18.09 -14.85
N LEU A 142 10.48 -17.55 -13.70
CA LEU A 142 11.83 -17.05 -13.47
C LEU A 142 12.68 -18.18 -12.90
N ASN A 143 13.64 -18.67 -13.70
CA ASN A 143 14.66 -19.62 -13.25
C ASN A 143 14.05 -20.85 -12.59
N GLU A 144 13.00 -21.41 -13.20
CA GLU A 144 12.36 -22.65 -12.73
C GLU A 144 11.94 -22.57 -11.26
N ALA A 145 11.77 -21.37 -10.71
CA ALA A 145 11.59 -21.28 -9.27
C ALA A 145 10.44 -20.36 -8.88
N VAL A 146 10.29 -19.25 -9.60
CA VAL A 146 9.30 -18.25 -9.26
C VAL A 146 8.47 -17.94 -10.50
N THR A 147 7.17 -17.78 -10.31
CA THR A 147 6.28 -17.45 -11.39
C THR A 147 5.56 -16.16 -11.06
N ILE A 148 5.48 -15.27 -12.04
CA ILE A 148 4.89 -13.95 -11.85
C ILE A 148 3.96 -13.66 -13.02
N ALA A 149 2.82 -13.05 -12.72
CA ALA A 149 1.82 -12.70 -13.71
C ALA A 149 1.10 -11.44 -13.26
N GLU A 150 0.57 -10.66 -14.21
CA GLU A 150 -0.02 -9.37 -13.86
C GLU A 150 -1.33 -9.13 -14.60
N VAL A 151 -2.34 -8.62 -13.87
CA VAL A 151 -3.58 -8.17 -14.46
C VAL A 151 -3.86 -6.74 -14.00
N LYS A 152 -4.67 -6.03 -14.78
CA LYS A 152 -5.01 -4.65 -14.45
C LYS A 152 -5.90 -4.59 -13.21
N LEU A 153 -5.61 -3.64 -12.32
CA LEU A 153 -6.40 -3.46 -11.11
C LEU A 153 -7.33 -2.26 -11.21
N TYR A 154 -6.76 -1.07 -11.37
CA TYR A 154 -7.51 0.13 -11.68
C TYR A 154 -6.51 1.14 -12.20
N GLY A 155 -6.97 2.04 -13.06
CA GLY A 155 -6.07 2.94 -13.74
C GLY A 155 -4.91 2.19 -14.35
N ASP A 156 -3.69 2.62 -14.06
CA ASP A 156 -2.51 1.92 -14.51
C ASP A 156 -1.88 1.07 -13.42
N VAL A 157 -2.63 0.73 -12.38
CA VAL A 157 -2.13 -0.12 -11.31
C VAL A 157 -2.44 -1.56 -11.66
N VAL A 158 -1.45 -2.44 -11.52
CA VAL A 158 -1.64 -3.86 -11.77
C VAL A 158 -1.68 -4.61 -10.45
N LEU A 159 -2.48 -5.66 -10.41
CA LEU A 159 -2.42 -6.65 -9.34
C LEU A 159 -1.50 -7.76 -9.79
N ARG A 160 -0.42 -8.00 -9.05
CA ARG A 160 0.64 -8.91 -9.48
C ARG A 160 0.55 -10.19 -8.66
N TYR A 161 0.52 -11.33 -9.35
CA TYR A 161 0.55 -12.63 -8.70
C TYR A 161 1.97 -13.18 -8.72
N VAL A 162 2.44 -13.64 -7.56
CA VAL A 162 3.72 -14.31 -7.43
C VAL A 162 3.50 -15.63 -6.70
N SER A 163 4.20 -16.68 -7.13
CA SER A 163 4.12 -17.97 -6.47
C SER A 163 5.48 -18.65 -6.55
N TYR A 164 5.77 -19.45 -5.53
CA TYR A 164 7.08 -20.08 -5.34
C TYR A 164 6.91 -21.59 -5.31
N LYS A 165 7.80 -22.30 -6.01
CA LYS A 165 7.85 -23.75 -5.89
C LYS A 165 8.12 -24.15 -4.43
N ALA A 166 9.09 -23.51 -3.79
CA ALA A 166 9.40 -23.80 -2.40
C ALA A 166 9.28 -22.56 -1.53
N GLU A 173 16.68 -13.53 -2.07
CA GLU A 173 15.59 -14.49 -1.96
C GLU A 173 14.29 -13.91 -2.51
N PHE A 174 14.28 -12.58 -2.74
CA PHE A 174 13.07 -11.90 -3.21
C PHE A 174 12.64 -12.41 -4.58
N LEU A 175 13.50 -12.28 -5.58
CA LEU A 175 13.24 -12.81 -6.90
C LEU A 175 14.57 -13.24 -7.51
N PRO A 176 14.55 -14.14 -8.48
CA PRO A 176 15.79 -14.46 -9.20
C PRO A 176 16.34 -13.22 -9.90
N GLY A 177 17.66 -13.15 -9.97
CA GLY A 177 18.33 -11.99 -10.54
C GLY A 177 18.49 -10.83 -9.59
N PHE A 178 17.83 -10.86 -8.44
CA PHE A 178 18.13 -9.90 -7.38
C PHE A 178 19.29 -10.44 -6.57
N GLU A 179 20.12 -9.53 -6.07
CA GLU A 179 21.20 -9.90 -5.17
C GLU A 179 20.87 -9.41 -3.76
N ARG A 180 21.23 -10.21 -2.77
CA ARG A 180 21.27 -9.70 -1.40
C ARG A 180 22.29 -8.56 -1.35
N VAL A 181 22.01 -7.58 -0.50
CA VAL A 181 22.84 -6.39 -0.43
C VAL A 181 23.90 -6.59 0.65
N GLU A 182 25.15 -6.30 0.31
CA GLU A 182 26.26 -6.36 1.27
C GLU A 182 25.92 -5.55 2.52
N ASP A 183 26.14 -6.16 3.69
CA ASP A 183 25.56 -5.63 4.92
C ASP A 183 26.12 -4.27 5.30
N ALA A 184 27.27 -3.87 4.77
CA ALA A 184 27.78 -2.53 5.06
C ALA A 184 26.98 -1.46 4.33
N SER A 185 26.36 -1.82 3.21
CA SER A 185 25.37 -0.96 2.58
C SER A 185 23.98 -1.17 3.16
N SER A 186 23.82 -2.07 4.12
CA SER A 186 22.52 -2.44 4.69
C SER A 186 22.52 -2.18 6.20
N PHE A 187 22.16 -0.95 6.58
CA PHE A 187 22.02 -0.53 7.98
C PHE A 187 20.68 -1.01 8.53
N PRO A 188 20.67 -1.62 9.72
CA PRO A 188 19.45 -2.29 10.24
C PRO A 188 18.42 -1.32 10.82
N LEU A 189 17.98 -0.36 10.01
CA LEU A 189 16.92 0.54 10.44
C LEU A 189 15.62 -0.23 10.70
N ASP A 190 14.88 0.21 11.71
CA ASP A 190 13.61 -0.41 12.08
C ASP A 190 12.85 0.52 13.03
N TYR A 191 11.68 1.00 12.64
CA TYR A 191 10.89 1.81 13.56
C TYR A 191 9.62 1.08 14.00
N GLY A 192 9.52 -0.22 13.77
CA GLY A 192 8.40 -1.02 14.23
C GLY A 192 7.43 -1.48 13.17
N ILE A 193 7.53 -0.98 11.93
CA ILE A 193 6.60 -1.41 10.89
C ILE A 193 6.87 -2.86 10.52
N ARG A 194 5.79 -3.63 10.34
CA ARG A 194 5.96 -5.07 10.24
C ARG A 194 5.29 -5.68 9.02
N ARG A 195 4.21 -5.09 8.53
CA ARG A 195 3.58 -5.66 7.34
C ARG A 195 2.61 -4.65 6.72
N LEU A 196 2.24 -4.93 5.47
CA LEU A 196 1.20 -4.16 4.80
C LEU A 196 -0.18 -4.66 5.22
N ASP A 197 -1.00 -3.74 5.70
CA ASP A 197 -2.32 -4.13 6.17
C ASP A 197 -3.35 -4.04 5.05
N HIS A 198 -3.41 -2.92 4.34
CA HIS A 198 -4.29 -2.82 3.19
C HIS A 198 -3.78 -1.74 2.23
N ALA A 199 -4.29 -1.79 1.00
CA ALA A 199 -3.90 -0.88 -0.07
C ALA A 199 -5.15 -0.33 -0.74
N VAL A 200 -5.22 0.98 -0.89
CA VAL A 200 -6.46 1.69 -1.18
C VAL A 200 -6.38 2.35 -2.55
N GLY A 201 -7.40 2.14 -3.39
CA GLY A 201 -7.48 2.74 -4.71
C GLY A 201 -8.54 3.82 -4.77
N ASN A 202 -8.30 4.84 -5.59
CA ASN A 202 -9.30 5.86 -5.90
C ASN A 202 -9.74 5.69 -7.35
N VAL A 203 -11.06 5.68 -7.58
CA VAL A 203 -11.62 5.51 -8.93
C VAL A 203 -12.72 6.56 -9.15
N PRO A 204 -12.99 6.90 -10.41
CA PRO A 204 -14.10 7.84 -10.68
C PRO A 204 -15.46 7.24 -10.41
N GLU A 205 -15.61 5.91 -10.43
CA GLU A 205 -16.91 5.27 -10.18
C GLU A 205 -16.69 3.97 -9.42
N LEU A 206 -17.18 3.91 -8.18
CA LEU A 206 -16.91 2.77 -7.31
C LEU A 206 -17.55 1.49 -7.84
N GLY A 207 -18.85 1.55 -8.18
CA GLY A 207 -19.61 0.40 -8.60
C GLY A 207 -18.94 -0.48 -9.65
N PRO A 208 -18.61 0.11 -10.81
CA PRO A 208 -17.97 -0.68 -11.86
C PRO A 208 -16.60 -1.20 -11.46
N ALA A 209 -15.85 -0.41 -10.69
CA ALA A 209 -14.58 -0.88 -10.14
C ALA A 209 -14.78 -2.08 -9.24
N LEU A 210 -15.72 -1.96 -8.29
CA LEU A 210 -16.04 -3.09 -7.43
C LEU A 210 -16.46 -4.30 -8.24
N THR A 211 -17.36 -4.09 -9.21
CA THR A 211 -17.85 -5.22 -10.00
C THR A 211 -16.68 -5.92 -10.69
N TYR A 212 -15.79 -5.14 -11.29
CA TYR A 212 -14.66 -5.70 -12.03
C TYR A 212 -13.74 -6.53 -11.15
N VAL A 213 -13.28 -5.97 -10.02
CA VAL A 213 -12.26 -6.64 -9.22
C VAL A 213 -12.86 -7.83 -8.47
N ALA A 214 -14.01 -7.63 -7.84
CA ALA A 214 -14.70 -8.78 -7.24
C ALA A 214 -14.99 -9.83 -8.30
N GLY A 215 -15.25 -9.39 -9.53
CA GLY A 215 -15.55 -10.30 -10.63
C GLY A 215 -14.47 -11.34 -10.87
N PHE A 216 -13.20 -10.91 -10.98
CA PHE A 216 -12.16 -11.88 -11.36
C PHE A 216 -11.40 -12.46 -10.18
N THR A 217 -11.52 -11.87 -8.98
CA THR A 217 -10.86 -12.45 -7.81
C THR A 217 -11.79 -13.39 -7.05
N GLY A 218 -13.08 -13.09 -7.01
CA GLY A 218 -13.95 -13.72 -6.05
C GLY A 218 -13.85 -13.14 -4.65
N PHE A 219 -13.10 -12.04 -4.47
CA PHE A 219 -13.01 -11.40 -3.18
C PHE A 219 -14.38 -10.90 -2.74
N HIS A 220 -14.68 -11.03 -1.46
CA HIS A 220 -15.97 -10.61 -0.92
C HIS A 220 -15.89 -9.22 -0.29
N GLN A 221 -17.05 -8.60 -0.14
CA GLN A 221 -17.14 -7.33 0.55
C GLN A 221 -16.95 -7.52 2.06
N PHE A 222 -16.15 -6.64 2.65
CA PHE A 222 -15.84 -6.63 4.08
C PHE A 222 -16.80 -5.66 4.76
N ALA A 223 -17.40 -6.09 5.85
CA ALA A 223 -18.48 -5.33 6.47
C ALA A 223 -17.93 -4.15 7.25
N GLU A 224 -18.49 -2.97 7.01
CA GLU A 224 -18.23 -1.78 7.80
C GLU A 224 -19.11 -1.79 9.05
N PHE A 225 -18.85 -0.84 9.95
CA PHE A 225 -19.48 -0.77 11.28
C PHE A 225 -20.97 -1.12 11.30
N SER A 235 -19.29 13.05 4.17
CA SER A 235 -18.29 13.96 3.65
C SER A 235 -17.27 13.33 2.69
N GLY A 236 -17.56 13.43 1.40
CA GLY A 236 -16.51 13.38 0.38
C GLY A 236 -16.40 12.16 -0.51
N LEU A 237 -16.78 11.01 0.00
CA LEU A 237 -16.54 9.78 -0.75
C LEU A 237 -17.54 8.72 -0.32
N ASN A 238 -17.67 7.70 -1.18
CA ASN A 238 -18.19 6.40 -0.81
C ASN A 238 -17.07 5.39 -1.02
N SER A 239 -17.06 4.36 -0.19
CA SER A 239 -16.00 3.36 -0.32
C SER A 239 -16.56 1.99 -0.01
N ALA A 240 -15.75 0.98 -0.30
CA ALA A 240 -16.06 -0.40 0.04
C ALA A 240 -14.75 -1.15 0.07
N VAL A 241 -14.74 -2.31 0.71
CA VAL A 241 -13.53 -3.08 0.92
C VAL A 241 -13.72 -4.48 0.37
N LEU A 242 -12.78 -4.93 -0.46
CA LEU A 242 -12.72 -6.31 -0.94
C LEU A 242 -11.67 -7.08 -0.15
N ALA A 243 -11.92 -8.37 0.05
CA ALA A 243 -11.08 -9.19 0.92
C ALA A 243 -10.98 -10.61 0.41
N SER A 244 -9.82 -11.22 0.63
CA SER A 244 -9.62 -12.63 0.34
C SER A 244 -10.35 -13.50 1.39
N ASN A 245 -10.23 -14.82 1.24
CA ASN A 245 -10.94 -15.77 2.09
C ASN A 245 -10.70 -15.48 3.57
N ASP A 246 -9.45 -15.54 4.01
CA ASP A 246 -9.09 -15.27 5.39
C ASP A 246 -9.06 -13.78 5.73
N GLU A 247 -9.39 -12.91 4.76
CA GLU A 247 -9.45 -11.46 4.93
C GLU A 247 -8.10 -10.85 5.33
N MET A 248 -7.01 -11.50 4.90
CA MET A 248 -5.66 -10.97 5.08
C MET A 248 -5.25 -10.02 3.96
N VAL A 249 -5.76 -10.23 2.76
CA VAL A 249 -5.58 -9.29 1.68
C VAL A 249 -6.82 -8.40 1.64
N LEU A 250 -6.63 -7.09 1.86
CA LEU A 250 -7.72 -6.15 1.97
C LEU A 250 -7.51 -5.01 0.99
N LEU A 251 -8.49 -4.76 0.15
CA LEU A 251 -8.38 -3.81 -0.95
C LEU A 251 -9.56 -2.84 -0.90
N PRO A 252 -9.49 -1.82 -0.06
CA PRO A 252 -10.52 -0.76 -0.13
C PRO A 252 -10.44 0.01 -1.44
N ILE A 253 -11.59 0.49 -1.89
CA ILE A 253 -11.67 1.35 -3.07
C ILE A 253 -12.62 2.50 -2.77
N ASN A 254 -12.22 3.73 -3.16
CA ASN A 254 -13.02 4.92 -2.94
C ASN A 254 -13.46 5.54 -4.28
N GLU A 255 -14.58 6.25 -4.23
CA GLU A 255 -15.03 7.13 -5.29
C GLU A 255 -15.44 8.46 -4.68
N PRO A 256 -15.38 9.54 -5.46
CA PRO A 256 -15.79 10.84 -4.92
C PRO A 256 -17.30 11.01 -4.88
N VAL A 257 -17.75 11.87 -3.96
CA VAL A 257 -19.12 12.36 -3.93
C VAL A 257 -19.08 13.82 -4.32
N HIS A 258 -19.65 14.14 -5.49
CA HIS A 258 -19.61 15.49 -6.02
C HIS A 258 -20.75 16.34 -5.45
N GLY A 259 -20.59 17.66 -5.58
CA GLY A 259 -21.63 18.59 -5.19
C GLY A 259 -21.63 19.03 -3.75
N THR A 260 -20.57 18.71 -3.00
CA THR A 260 -20.54 18.96 -1.56
C THR A 260 -20.34 20.44 -1.25
N LYS A 261 -19.92 20.72 -0.01
CA LYS A 261 -19.41 22.04 0.35
C LYS A 261 -17.90 22.09 0.10
N ARG A 262 -17.16 21.18 0.73
CA ARG A 262 -15.73 21.02 0.48
C ARG A 262 -15.52 20.05 -0.68
N LYS A 263 -14.64 20.42 -1.62
CA LYS A 263 -14.39 19.58 -2.78
C LYS A 263 -13.87 18.21 -2.35
N SER A 264 -14.34 17.17 -3.02
CA SER A 264 -13.90 15.82 -2.69
C SER A 264 -12.40 15.67 -2.88
N GLN A 265 -11.70 15.19 -1.84
CA GLN A 265 -10.27 14.93 -2.01
C GLN A 265 -10.05 13.79 -2.99
N ILE A 266 -11.00 12.87 -3.10
CA ILE A 266 -10.89 11.85 -4.14
C ILE A 266 -10.85 12.51 -5.51
N GLN A 267 -11.66 13.55 -5.69
CA GLN A 267 -11.69 14.21 -6.99
C GLN A 267 -10.38 14.94 -7.25
N THR A 268 -9.87 15.65 -6.23
CA THR A 268 -8.55 16.24 -6.30
C THR A 268 -7.49 15.19 -6.64
N TYR A 269 -7.58 14.01 -6.03
CA TYR A 269 -6.65 12.94 -6.38
C TYR A 269 -6.72 12.62 -7.86
N LEU A 270 -7.93 12.37 -8.36
CA LEU A 270 -8.10 11.96 -9.75
C LEU A 270 -7.56 13.01 -10.72
N GLU A 271 -7.79 14.29 -10.43
CA GLU A 271 -7.26 15.37 -11.26
C GLU A 271 -5.73 15.37 -11.29
N HIS A 272 -5.10 15.35 -10.12
CA HIS A 272 -3.64 15.43 -10.10
C HIS A 272 -2.96 14.13 -10.53
N ASN A 273 -3.59 12.98 -10.28
CA ASN A 273 -3.02 11.70 -10.70
C ASN A 273 -3.31 11.35 -12.16
N GLU A 274 -4.01 12.22 -12.89
CA GLU A 274 -4.57 11.88 -14.20
C GLU A 274 -5.31 10.53 -14.14
N GLY A 275 -6.28 10.46 -13.25
CA GLY A 275 -7.20 9.34 -13.25
C GLY A 275 -6.96 8.39 -12.08
N ALA A 276 -7.60 7.23 -12.19
CA ALA A 276 -7.62 6.27 -11.10
C ALA A 276 -6.22 5.82 -10.74
N GLY A 277 -6.06 5.42 -9.48
CA GLY A 277 -4.78 4.89 -9.03
C GLY A 277 -4.80 4.58 -7.55
N LEU A 278 -3.63 4.21 -7.03
CA LEU A 278 -3.55 3.81 -5.63
C LEU A 278 -3.47 5.07 -4.77
N GLN A 279 -4.36 5.17 -3.78
CA GLN A 279 -4.42 6.33 -2.90
C GLN A 279 -3.44 6.22 -1.72
N HIS A 280 -3.53 5.15 -0.92
CA HIS A 280 -2.59 5.06 0.18
C HIS A 280 -2.33 3.62 0.58
N LEU A 281 -1.18 3.43 1.24
CA LEU A 281 -0.76 2.15 1.80
C LEU A 281 -0.87 2.24 3.32
N ALA A 282 -1.51 1.23 3.93
CA ALA A 282 -1.65 1.14 5.39
C ALA A 282 -0.65 0.11 5.91
N LEU A 283 0.26 0.57 6.75
CA LEU A 283 1.40 -0.20 7.22
C LEU A 283 1.15 -0.49 8.70
N MET A 284 1.14 -1.78 9.04
CA MET A 284 0.90 -2.19 10.41
C MET A 284 2.20 -2.13 11.20
N SER A 285 2.17 -1.41 12.31
CA SER A 285 3.29 -1.35 13.23
C SER A 285 3.01 -2.25 14.43
N GLU A 286 4.06 -2.91 14.93
CA GLU A 286 3.94 -3.66 16.17
C GLU A 286 3.98 -2.77 17.40
N ASP A 287 4.19 -1.47 17.21
CA ASP A 287 4.19 -0.52 18.32
C ASP A 287 4.08 0.87 17.69
N ILE A 288 2.84 1.32 17.49
CA ILE A 288 2.62 2.52 16.70
C ILE A 288 3.19 3.74 17.39
N PHE A 289 3.30 3.73 18.71
CA PHE A 289 3.83 4.89 19.39
C PHE A 289 5.31 5.07 19.13
N ARG A 290 6.07 3.98 19.13
CA ARG A 290 7.49 4.10 18.78
C ARG A 290 7.67 4.42 17.30
N THR A 291 6.81 3.88 16.44
CA THR A 291 6.94 4.20 15.02
C THR A 291 6.70 5.69 14.78
N LEU A 292 5.64 6.24 15.36
CA LEU A 292 5.35 7.64 15.17
C LEU A 292 6.39 8.54 15.83
N ARG A 293 6.90 8.17 17.01
CA ARG A 293 8.00 8.94 17.59
C ARG A 293 9.20 8.96 16.65
N GLU A 294 9.57 7.79 16.14
CA GLU A 294 10.72 7.71 15.25
C GLU A 294 10.48 8.48 13.96
N MET A 295 9.27 8.37 13.39
CA MET A 295 9.01 9.03 12.11
C MET A 295 8.91 10.54 12.28
N ARG A 296 8.31 11.02 13.39
CA ARG A 296 8.15 12.46 13.57
C ARG A 296 9.49 13.14 13.80
N LYS A 297 10.41 12.47 14.52
CA LYS A 297 11.74 13.03 14.73
C LYS A 297 12.44 13.30 13.42
N ARG A 298 12.08 12.55 12.37
CA ARG A 298 12.77 12.63 11.09
C ARG A 298 12.00 13.41 10.05
N SER A 299 10.80 13.89 10.37
CA SER A 299 9.97 14.59 9.39
C SER A 299 10.74 15.71 8.69
N SER A 300 11.40 16.56 9.46
CA SER A 300 12.06 17.73 8.89
C SER A 300 13.51 17.46 8.48
N ILE A 301 13.98 16.23 8.58
CA ILE A 301 15.37 15.94 8.19
C ILE A 301 15.39 14.77 7.21
N GLY A 302 14.49 14.81 6.23
CA GLY A 302 14.48 13.84 5.13
C GLY A 302 13.32 12.88 5.13
N GLY A 303 12.56 12.81 6.22
CA GLY A 303 11.51 11.83 6.38
C GLY A 303 10.16 12.28 5.84
N PHE A 304 9.09 11.80 6.49
CA PHE A 304 7.75 12.11 6.06
C PHE A 304 7.09 13.07 7.04
N ASP A 305 6.22 13.92 6.51
CA ASP A 305 5.37 14.81 7.28
C ASP A 305 4.03 14.12 7.58
N PHE A 306 3.39 14.57 8.65
CA PHE A 306 2.08 14.02 9.00
C PHE A 306 1.01 15.09 8.84
N MET A 307 -0.21 14.65 8.56
CA MET A 307 -1.35 15.56 8.47
C MET A 307 -1.46 16.32 9.80
N PRO A 308 -2.15 17.47 9.82
CA PRO A 308 -2.31 18.19 11.09
C PRO A 308 -3.05 17.35 12.13
N SER A 309 -2.69 17.56 13.41
CA SER A 309 -3.27 16.76 14.48
C SER A 309 -4.70 17.20 14.78
N PRO A 310 -5.56 16.26 15.18
CA PRO A 310 -6.91 16.64 15.63
C PRO A 310 -6.83 17.48 16.89
N PRO A 311 -7.86 18.28 17.18
CA PRO A 311 -7.76 19.22 18.30
C PRO A 311 -7.75 18.50 19.63
N PRO A 312 -7.36 19.18 20.72
CA PRO A 312 -7.36 18.50 22.03
C PRO A 312 -8.73 18.01 22.45
N THR A 313 -9.80 18.68 21.98
CA THR A 313 -11.14 18.19 22.27
C THR A 313 -11.37 16.80 21.70
N TYR A 314 -10.83 16.51 20.51
CA TYR A 314 -10.89 15.13 20.02
C TYR A 314 -10.30 14.18 21.05
N TYR A 315 -9.26 14.60 21.75
CA TYR A 315 -8.59 13.78 22.75
C TYR A 315 -9.26 13.85 24.12
N GLN A 316 -9.93 14.97 24.42
CA GLN A 316 -10.78 15.04 25.61
C GLN A 316 -11.99 14.11 25.49
N ASN A 317 -12.42 13.79 24.28
CA ASN A 317 -13.53 12.87 24.05
C ASN A 317 -13.09 11.42 23.89
N LEU A 318 -11.79 11.14 23.96
CA LEU A 318 -11.33 9.78 23.71
C LEU A 318 -11.52 8.88 24.93
N LYS A 319 -11.45 9.45 26.14
CA LYS A 319 -11.63 8.64 27.34
C LYS A 319 -13.00 7.95 27.34
N LYS A 320 -14.03 8.59 26.77
CA LYS A 320 -15.40 8.07 26.85
C LYS A 320 -15.65 6.89 25.93
N ARG A 321 -14.92 6.74 24.83
CA ARG A 321 -15.21 5.66 23.91
C ARG A 321 -14.16 4.56 23.87
N VAL A 322 -12.91 4.84 24.28
CA VAL A 322 -11.87 3.82 24.23
C VAL A 322 -11.08 3.80 25.54
N GLY A 323 -11.52 4.58 26.53
CA GLY A 323 -10.94 4.51 27.86
C GLY A 323 -10.96 3.09 28.40
N ASP A 324 -11.89 2.30 27.88
CA ASP A 324 -11.87 0.85 28.03
C ASP A 324 -10.51 0.26 27.65
N VAL A 325 -9.98 0.66 26.49
CA VAL A 325 -8.87 -0.06 25.86
C VAL A 325 -7.53 0.56 26.17
N LEU A 326 -7.50 1.88 26.34
CA LEU A 326 -6.25 2.62 26.47
C LEU A 326 -6.19 3.36 27.80
N SER A 327 -5.04 3.29 28.46
CA SER A 327 -4.83 4.03 29.69
C SER A 327 -4.79 5.53 29.42
N ASP A 328 -4.96 6.31 30.50
CA ASP A 328 -4.76 7.75 30.40
C ASP A 328 -3.40 8.07 29.80
N ASP A 329 -2.40 7.25 30.12
CA ASP A 329 -1.05 7.45 29.61
C ASP A 329 -0.99 7.22 28.11
N GLN A 330 -1.56 6.09 27.66
CA GLN A 330 -1.62 5.79 26.24
C GLN A 330 -2.49 6.80 25.49
N ILE A 331 -3.53 7.32 26.14
CA ILE A 331 -4.35 8.35 25.52
C ILE A 331 -3.56 9.65 25.35
N LYS A 332 -2.87 10.09 26.41
CA LYS A 332 -2.08 11.32 26.31
C LYS A 332 -0.94 11.17 25.33
N GLU A 333 -0.38 9.96 25.22
CA GLU A 333 0.60 9.66 24.18
C GLU A 333 -0.02 9.80 22.78
N CYS A 334 -1.28 9.36 22.62
CA CYS A 334 -1.98 9.58 21.35
C CYS A 334 -2.06 11.05 21.00
N GLU A 335 -2.33 11.91 21.98
CA GLU A 335 -2.40 13.34 21.72
C GLU A 335 -1.05 13.90 21.31
N GLU A 336 0.01 13.40 21.92
CA GLU A 336 1.35 13.89 21.57
C GLU A 336 1.67 13.55 20.12
N LEU A 337 1.39 12.31 19.71
CA LEU A 337 1.77 11.84 18.39
C LEU A 337 0.72 12.14 17.33
N GLY A 338 -0.44 12.68 17.71
CA GLY A 338 -1.47 12.99 16.75
C GLY A 338 -2.23 11.78 16.26
N ILE A 339 -2.17 10.67 16.99
CA ILE A 339 -2.81 9.44 16.56
C ILE A 339 -4.32 9.57 16.66
N LEU A 340 -5.03 9.00 15.68
CA LEU A 340 -6.47 8.89 15.73
C LEU A 340 -6.83 7.48 16.20
N VAL A 341 -8.02 7.35 16.79
CA VAL A 341 -8.48 6.07 17.33
C VAL A 341 -9.96 5.91 17.00
N ASP A 342 -10.33 4.73 16.52
CA ASP A 342 -11.71 4.38 16.27
C ASP A 342 -11.87 2.91 16.64
N ARG A 343 -13.10 2.43 16.60
CA ARG A 343 -13.40 1.13 17.18
C ARG A 343 -14.55 0.43 16.45
N ASP A 344 -14.37 -0.88 16.24
CA ASP A 344 -15.42 -1.76 15.75
C ASP A 344 -16.21 -2.33 16.92
N ASP A 345 -17.10 -3.28 16.62
CA ASP A 345 -17.60 -4.19 17.64
C ASP A 345 -16.61 -5.33 17.90
N GLN A 346 -15.54 -5.41 17.11
CA GLN A 346 -14.57 -6.50 17.17
C GLN A 346 -13.26 -6.07 17.79
N GLY A 347 -12.75 -4.89 17.43
CA GLY A 347 -11.48 -4.43 17.96
C GLY A 347 -11.33 -2.93 17.95
N THR A 348 -10.13 -2.45 18.29
CA THR A 348 -9.82 -1.03 18.31
C THR A 348 -8.71 -0.76 17.31
N LEU A 349 -8.82 0.38 16.62
CA LEU A 349 -7.88 0.75 15.56
C LEU A 349 -7.21 2.06 15.93
N LEU A 350 -5.88 2.06 15.92
CA LEU A 350 -5.07 3.27 16.02
C LEU A 350 -4.47 3.58 14.66
N GLN A 351 -4.62 4.83 14.20
CA GLN A 351 -4.19 5.19 12.85
C GLN A 351 -3.67 6.61 12.81
N ILE A 352 -2.86 6.90 11.78
CA ILE A 352 -2.45 8.25 11.46
C ILE A 352 -2.02 8.29 9.98
N PHE A 353 -2.09 9.48 9.39
CA PHE A 353 -1.89 9.65 7.95
C PHE A 353 -0.73 10.59 7.67
N THR A 354 0.17 10.18 6.77
CA THR A 354 1.19 11.12 6.31
C THR A 354 0.60 12.12 5.33
N LYS A 355 1.34 13.20 5.13
CA LYS A 355 1.14 14.05 3.98
C LYS A 355 1.58 13.30 2.73
N PRO A 356 1.22 13.79 1.54
CA PRO A 356 1.58 13.08 0.30
C PRO A 356 3.07 12.78 0.22
N LEU A 357 3.39 11.59 -0.29
CA LEU A 357 4.78 11.11 -0.31
C LEU A 357 5.65 11.82 -1.32
N GLY A 358 5.06 12.49 -2.32
CA GLY A 358 5.84 13.13 -3.35
C GLY A 358 5.30 14.50 -3.69
N ASP A 359 5.64 14.98 -4.90
CA ASP A 359 5.24 16.32 -5.33
C ASP A 359 3.73 16.47 -5.40
N ARG A 360 3.05 15.50 -5.93
CA ARG A 360 1.63 15.61 -6.20
C ARG A 360 0.80 15.24 -4.98
N PRO A 361 -0.36 15.89 -4.79
CA PRO A 361 -1.29 15.48 -3.72
C PRO A 361 -2.05 14.21 -4.07
N THR A 362 -1.31 13.10 -4.15
CA THR A 362 -1.88 11.84 -4.58
C THR A 362 -1.63 10.76 -3.53
N ILE A 363 -0.53 10.02 -3.65
CA ILE A 363 -0.29 8.89 -2.77
C ILE A 363 0.20 9.37 -1.40
N PHE A 364 -0.29 8.73 -0.33
CA PHE A 364 0.24 8.93 1.02
C PHE A 364 0.27 7.59 1.75
N ILE A 365 0.71 7.61 2.99
CA ILE A 365 0.86 6.39 3.78
C ILE A 365 0.04 6.57 5.06
N GLU A 366 -0.48 5.45 5.55
CA GLU A 366 -1.18 5.39 6.82
C GLU A 366 -0.43 4.42 7.71
N ILE A 367 -0.19 4.81 8.95
CA ILE A 367 0.38 3.92 9.96
C ILE A 367 -0.75 3.45 10.86
N ILE A 368 -0.77 2.16 11.18
CA ILE A 368 -1.87 1.58 11.94
C ILE A 368 -1.35 0.52 12.90
N GLN A 369 -2.15 0.29 13.94
CA GLN A 369 -1.97 -0.87 14.79
C GLN A 369 -3.35 -1.28 15.28
N ARG A 370 -3.61 -2.58 15.24
CA ARG A 370 -4.92 -3.13 15.59
C ARG A 370 -4.82 -3.84 16.93
N VAL A 371 -5.82 -3.64 17.79
CA VAL A 371 -5.89 -4.35 19.07
C VAL A 371 -7.23 -5.08 19.16
N GLY A 372 -7.19 -6.38 19.37
CA GLY A 372 -8.36 -7.20 19.56
C GLY A 372 -8.35 -8.40 18.64
N CYS A 373 -9.56 -8.95 18.44
CA CYS A 373 -9.83 -10.01 17.47
C CYS A 373 -8.79 -11.12 17.48
N MET A 374 -8.46 -11.58 18.69
CA MET A 374 -7.48 -12.65 18.86
C MET A 374 -8.16 -14.00 18.79
N MET A 375 -7.60 -14.91 17.98
CA MET A 375 -8.17 -16.23 17.76
C MET A 375 -7.10 -17.31 17.98
N TYR A 383 -3.33 -15.58 16.89
CA TYR A 383 -3.42 -14.79 15.68
C TYR A 383 -4.53 -13.74 15.77
N GLN A 384 -4.42 -12.69 14.95
CA GLN A 384 -5.40 -11.63 14.87
C GLN A 384 -6.07 -11.67 13.51
N SER A 385 -7.40 -11.49 13.50
CA SER A 385 -8.13 -11.51 12.24
C SER A 385 -8.06 -10.15 11.54
N GLY A 386 -8.08 -10.19 10.22
CA GLY A 386 -7.87 -8.99 9.43
C GLY A 386 -9.00 -7.99 9.57
N GLY A 387 -8.65 -6.73 9.32
CA GLY A 387 -9.60 -5.64 9.45
C GLY A 387 -10.09 -5.38 10.86
N CYS A 388 -9.49 -6.02 11.85
CA CYS A 388 -9.91 -5.86 13.25
C CYS A 388 -9.98 -4.41 13.66
N GLY A 389 -11.18 -3.90 13.89
CA GLY A 389 -11.39 -2.51 14.21
C GLY A 389 -11.76 -1.69 13.02
N GLY A 390 -11.68 -2.27 11.83
CA GLY A 390 -12.17 -1.59 10.65
C GLY A 390 -11.14 -0.66 10.09
N PHE A 391 -11.59 0.44 9.52
CA PHE A 391 -10.71 1.31 8.75
C PHE A 391 -10.82 2.76 9.19
N GLY A 392 -11.50 3.04 10.29
CA GLY A 392 -11.51 4.36 10.86
C GLY A 392 -12.64 5.25 10.38
N LYS A 393 -13.64 4.69 9.69
CA LYS A 393 -14.74 5.50 9.19
C LYS A 393 -15.48 6.22 10.32
N GLY A 394 -15.41 5.71 11.55
CA GLY A 394 -16.02 6.41 12.67
C GLY A 394 -15.35 7.72 13.02
N ASN A 395 -14.23 8.06 12.37
CA ASN A 395 -13.47 9.25 12.71
C ASN A 395 -13.90 10.49 11.93
N PHE A 396 -14.65 10.34 10.83
CA PHE A 396 -15.28 11.51 10.23
C PHE A 396 -16.19 12.21 11.23
N SER A 397 -17.06 11.43 11.88
CA SER A 397 -17.96 11.97 12.89
C SER A 397 -17.18 12.52 14.08
N GLU A 398 -16.27 11.72 14.63
CA GLU A 398 -15.49 12.14 15.78
C GLU A 398 -14.70 13.41 15.49
N LEU A 399 -14.25 13.57 14.24
CA LEU A 399 -13.44 14.73 13.86
C LEU A 399 -14.31 15.96 13.67
N PHE A 400 -15.37 15.84 12.85
CA PHE A 400 -16.26 16.99 12.63
C PHE A 400 -16.87 17.47 13.94
N LYS A 401 -17.36 16.54 14.77
CA LYS A 401 -17.94 16.88 16.06
C LYS A 401 -16.85 17.21 17.08
N SER A 402 -15.61 17.38 16.61
CA SER A 402 -14.54 17.93 17.43
C SER A 402 -14.11 19.32 17.00
N ILE A 403 -14.35 19.70 15.74
CA ILE A 403 -14.04 21.04 15.26
C ILE A 403 -15.07 22.03 15.80
N GLU A 404 -15.96 21.54 16.68
CA GLU A 404 -16.76 22.37 17.55
C GLU A 404 -15.96 22.88 18.75
N GLU A 405 -14.64 22.67 18.74
CA GLU A 405 -13.74 23.33 19.66
C GLU A 405 -13.38 24.74 19.20
N TYR A 406 -13.50 25.01 17.89
CA TYR A 406 -13.35 26.36 17.38
C TYR A 406 -14.32 27.33 18.02
N GLU A 407 -15.31 26.81 18.76
CA GLU A 407 -16.21 27.59 19.59
C GLU A 407 -15.97 27.34 21.08
N LYS A 408 -14.80 26.81 21.44
CA LYS A 408 -14.47 26.51 22.83
C LYS A 408 -13.23 27.26 23.29
CO CO B . -6.96 3.09 5.51
C10 FNO C . -10.99 7.61 4.01
C13 FNO C . -8.85 6.06 4.79
C15 FNO C . -12.44 5.68 4.12
C17 FNO C . -6.63 12.02 4.24
C20 FNO C . -5.56 12.67 3.38
C21 FNO C . -6.78 12.51 5.69
C06 FNO C . -9.63 9.70 3.84
C07 FNO C . -9.73 8.20 4.14
C08 FNO C . -8.48 10.38 4.60
C09 FNO C . -11.18 6.25 4.26
C11 FNO C . -10.11 5.49 4.65
C12 FNO C . -8.66 7.42 4.53
C14 FNO C . -7.41 11.06 3.74
C16 FNO C . -10.29 4.13 4.90
C18 FNO C . -12.62 4.33 4.36
C19 FNO C . -11.55 3.55 4.75
O01 FNO C . -9.58 9.86 2.44
O02 FNO C . -11.89 8.29 3.67
O03 FNO C . -13.53 6.44 3.73
O04 FNO C . -7.96 5.36 5.14
O05 FNO C . -9.21 3.35 5.29
#